data_2QN5
#
_entry.id   2QN5
#
_cell.length_a   69.653
_cell.length_b   69.653
_cell.length_c   158.169
_cell.angle_alpha   90.00
_cell.angle_beta   90.00
_cell.angle_gamma   90.00
#
_symmetry.space_group_name_H-M   'P 43 21 2'
#
loop_
_entity.id
_entity.type
_entity.pdbx_description
1 polymer 'Bowman-Birk type bran trypsin inhibitor'
2 polymer 'Cationic trypsin'
3 water water
#
loop_
_entity_poly.entity_id
_entity_poly.type
_entity_poly.pdbx_seq_one_letter_code
_entity_poly.pdbx_strand_id
1 'polypeptide(L)'
;MERPWKCCDNIKRLPTKPDPPQWRCNDELEPSQCTAACKSCREAPGPFPGKLICEDIYWGADPGPFCTPRPWGDCCDKAF
CNKMNPPTCRCMDEVKECADACKDCQRVESSEPPRYVCKDRFTGHPGPVCKPR
;
B
2 'polypeptide(L)'
;IVGGYTCGANTVPYQVSLNSGYHFCGGSLINSQWVVSAAHCYKSGIQVRLGEDNINVVEGNEQFISASKSIVHPSYNSNT
LNNDIMLIKLKSAASLNSRVASISLPTSCASAGTQCLISGWGNTKSSGTSYPDVLKCLKAPILSDSSCKSAYPGQITSNM
FCAGYLEGGKDSCQGDSGGPVVCSGKLQGIVSWGSGCAQKNKPGVYTKVCNYVSWIKQTIASN
;
T
#
# COMPACT_ATOMS: atom_id res chain seq x y z
N MET A 1 11.33 11.32 3.30
CA MET A 1 12.62 11.34 2.56
C MET A 1 12.73 12.62 1.75
N GLU A 2 13.61 12.61 0.76
CA GLU A 2 13.84 13.77 -0.09
C GLU A 2 13.09 13.76 -1.41
N ARG A 3 12.07 14.61 -1.49
CA ARG A 3 11.24 14.75 -2.67
C ARG A 3 12.18 15.08 -3.83
N PRO A 4 12.34 14.14 -4.79
CA PRO A 4 13.22 14.34 -5.95
C PRO A 4 12.77 15.36 -6.98
N TRP A 5 11.98 16.34 -6.56
CA TRP A 5 11.50 17.39 -7.45
C TRP A 5 10.79 18.48 -6.67
N LYS A 6 10.90 19.72 -7.16
CA LYS A 6 10.27 20.86 -6.51
C LYS A 6 8.77 20.92 -6.78
N CYS A 7 8.36 20.75 -8.03
CA CYS A 7 6.95 20.77 -8.34
C CYS A 7 6.69 19.62 -9.32
N CYS A 8 5.42 19.30 -9.54
CA CYS A 8 5.10 18.23 -10.50
C CYS A 8 3.62 18.32 -10.81
N ASP A 9 3.28 18.16 -12.10
CA ASP A 9 1.91 18.22 -12.58
C ASP A 9 1.39 16.82 -12.76
N ASN A 10 1.95 16.10 -13.72
CA ASN A 10 1.55 14.73 -13.94
C ASN A 10 2.14 13.91 -12.82
N ILE A 11 1.37 13.80 -11.75
CA ILE A 11 1.78 13.03 -10.58
C ILE A 11 1.03 11.70 -10.60
N LYS A 12 1.79 10.62 -10.70
CA LYS A 12 1.19 9.29 -10.71
C LYS A 12 1.29 8.68 -9.34
N ARG A 13 0.28 7.89 -8.95
CA ARG A 13 0.30 7.22 -7.66
C ARG A 13 0.44 5.73 -7.86
N LEU A 14 1.43 5.14 -7.22
CA LEU A 14 1.65 3.71 -7.34
C LEU A 14 0.42 2.96 -6.87
N PRO A 15 0.21 1.74 -7.38
CA PRO A 15 -0.96 0.98 -6.95
C PRO A 15 -0.71 0.38 -5.56
N THR A 16 0.56 0.36 -5.14
CA THR A 16 1.01 -0.16 -3.85
C THR A 16 0.30 0.39 -2.60
N LYS A 17 0.33 -0.36 -1.51
CA LYS A 17 -0.39 0.03 -0.31
C LYS A 17 0.36 0.37 0.99
N PRO A 18 1.46 1.11 0.91
CA PRO A 18 2.08 1.38 2.21
C PRO A 18 1.38 2.63 2.75
N ASP A 19 1.90 3.16 3.86
CA ASP A 19 1.36 4.40 4.43
C ASP A 19 2.53 5.22 4.89
N PRO A 20 2.76 6.40 4.28
CA PRO A 20 2.05 7.10 3.20
C PRO A 20 2.27 6.51 1.81
N PRO A 21 1.51 7.00 0.82
CA PRO A 21 1.63 6.51 -0.54
C PRO A 21 3.02 6.72 -1.11
N GLN A 22 3.31 6.00 -2.20
CA GLN A 22 4.60 6.11 -2.87
C GLN A 22 4.20 6.64 -4.21
N TRP A 23 4.78 7.77 -4.61
CA TRP A 23 4.41 8.34 -5.89
C TRP A 23 5.58 8.54 -6.85
N ARG A 24 5.23 8.67 -8.13
CA ARG A 24 6.20 8.89 -9.20
C ARG A 24 5.82 10.19 -9.92
N CYS A 25 6.81 10.87 -10.51
CA CYS A 25 6.52 12.11 -11.23
C CYS A 25 6.85 11.99 -12.71
N ASN A 26 5.87 12.31 -13.54
CA ASN A 26 6.05 12.24 -14.99
C ASN A 26 6.75 13.49 -15.53
N ASP A 27 5.97 14.55 -15.74
CA ASP A 27 6.49 15.80 -16.26
C ASP A 27 7.43 15.63 -17.47
N GLU A 28 7.19 16.44 -18.50
CA GLU A 28 7.99 16.43 -19.72
C GLU A 28 9.48 16.61 -19.39
N LEU A 29 9.84 17.79 -18.86
CA LEU A 29 11.23 18.08 -18.46
C LEU A 29 12.31 18.17 -19.52
N GLU A 30 13.49 18.62 -19.08
CA GLU A 30 14.69 18.76 -19.90
C GLU A 30 15.77 18.16 -19.01
N PRO A 31 16.74 17.43 -19.59
CA PRO A 31 17.81 16.80 -18.80
C PRO A 31 18.71 17.74 -17.98
N SER A 32 18.08 18.62 -17.20
CA SER A 32 18.79 19.57 -16.34
C SER A 32 19.89 18.86 -15.54
N GLN A 33 19.43 18.03 -14.62
CA GLN A 33 20.29 17.25 -13.75
C GLN A 33 19.52 15.95 -13.60
N CYS A 34 18.23 16.06 -13.92
CA CYS A 34 17.28 14.98 -13.89
C CYS A 34 17.74 13.80 -13.05
N CYS A 38 17.61 14.04 -9.52
CA CYS A 38 17.02 12.73 -9.30
C CYS A 38 18.07 11.65 -9.10
N LYS A 39 17.89 10.50 -9.74
CA LYS A 39 18.86 9.42 -9.61
C LYS A 39 18.82 8.42 -10.75
N SER A 40 17.99 8.72 -11.75
CA SER A 40 17.85 7.88 -12.94
C SER A 40 16.78 8.51 -13.80
N CYS A 41 17.02 8.54 -15.11
CA CYS A 41 16.07 9.15 -16.05
C CYS A 41 15.94 8.39 -17.37
N ARG A 42 14.77 8.51 -18.00
CA ARG A 42 14.49 7.85 -19.28
C ARG A 42 14.77 8.75 -20.50
N ILE A 53 11.49 12.19 -18.23
CA ILE A 53 10.90 11.94 -16.91
C ILE A 53 11.97 11.50 -15.91
N CYS A 54 11.64 11.61 -14.62
CA CYS A 54 12.55 11.26 -13.55
C CYS A 54 12.02 10.04 -12.80
N GLU A 55 12.63 8.90 -13.06
CA GLU A 55 12.21 7.66 -12.42
C GLU A 55 12.81 7.50 -11.03
N ASP A 56 12.27 8.27 -10.11
CA ASP A 56 12.68 8.22 -8.72
C ASP A 56 11.32 8.25 -8.01
N ILE A 57 11.12 7.34 -7.06
CA ILE A 57 9.85 7.32 -6.36
C ILE A 57 9.96 7.97 -5.01
N TYR A 58 9.10 8.95 -4.78
CA TYR A 58 9.03 9.66 -3.51
C TYR A 58 7.98 8.91 -2.71
N TRP A 59 8.25 8.72 -1.42
CA TRP A 59 7.34 8.02 -0.54
C TRP A 59 6.98 8.99 0.57
N GLY A 60 5.79 9.56 0.53
CA GLY A 60 5.42 10.50 1.56
C GLY A 60 3.98 10.96 1.48
N ALA A 61 3.55 11.67 2.51
CA ALA A 61 2.19 12.18 2.57
C ALA A 61 1.88 13.09 1.40
N ASP A 62 2.68 14.13 1.22
CA ASP A 62 2.49 15.11 0.17
C ASP A 62 3.34 14.86 -1.08
N PRO A 63 2.69 14.60 -2.24
CA PRO A 63 3.40 14.35 -3.49
C PRO A 63 3.87 15.65 -4.15
N GLY A 64 3.76 16.75 -3.42
CA GLY A 64 4.23 18.02 -3.96
C GLY A 64 3.14 18.89 -4.51
N PRO A 65 3.42 20.20 -4.66
CA PRO A 65 2.45 21.15 -5.20
C PRO A 65 2.54 21.01 -6.69
N PHE A 66 1.62 21.68 -7.39
CA PHE A 66 1.66 21.62 -8.84
C PHE A 66 2.64 22.67 -9.35
N CYS A 67 2.97 22.58 -10.63
CA CYS A 67 3.89 23.53 -11.24
C CYS A 67 3.10 24.72 -11.79
N THR A 68 1.85 24.46 -12.16
CA THR A 68 0.95 25.46 -12.71
C THR A 68 -0.41 25.32 -12.03
N PRO A 69 -0.86 26.35 -11.29
CA PRO A 69 -2.15 26.28 -10.59
C PRO A 69 -3.36 25.82 -11.39
N ARG A 70 -4.43 25.52 -10.66
CA ARG A 70 -5.65 25.03 -11.25
C ARG A 70 -6.86 25.82 -10.79
N PRO A 71 -7.80 26.06 -11.69
CA PRO A 71 -9.02 26.81 -11.40
C PRO A 71 -9.49 26.56 -9.98
N TRP A 72 -9.57 25.27 -9.62
CA TRP A 72 -9.99 24.81 -8.30
C TRP A 72 -9.14 25.54 -7.27
N GLY A 73 -8.19 26.30 -7.78
CA GLY A 73 -7.29 27.06 -6.95
C GLY A 73 -6.22 26.18 -6.34
N ASP A 74 -6.64 25.18 -5.58
CA ASP A 74 -5.69 24.32 -4.93
C ASP A 74 -6.32 23.02 -4.46
N CYS A 75 -7.10 23.09 -3.37
CA CYS A 75 -7.77 21.91 -2.84
C CYS A 75 -9.25 21.98 -3.24
N CYS A 76 -9.92 20.83 -3.14
CA CYS A 76 -11.34 20.71 -3.47
C CYS A 76 -11.84 19.40 -2.88
N ASP A 77 -12.81 19.47 -1.97
CA ASP A 77 -13.33 18.25 -1.35
C ASP A 77 -14.23 17.41 -2.26
N LYS A 78 -15.05 18.07 -3.06
CA LYS A 78 -15.91 17.35 -4.00
C LYS A 78 -15.55 17.79 -5.40
N ALA A 79 -14.61 17.09 -6.01
CA ALA A 79 -14.17 17.43 -7.34
C ALA A 79 -14.60 16.36 -8.34
N PHE A 80 -15.58 16.71 -9.18
CA PHE A 80 -16.09 15.81 -10.20
C PHE A 80 -14.89 15.32 -10.99
N CYS A 81 -15.10 14.42 -11.94
CA CYS A 81 -13.98 13.91 -12.70
C CYS A 81 -14.30 13.23 -14.02
N ASN A 82 -13.25 12.75 -14.67
CA ASN A 82 -13.34 12.03 -15.93
C ASN A 82 -12.05 11.25 -16.16
N LYS A 83 -11.85 10.21 -15.35
CA LYS A 83 -10.67 9.34 -15.39
C LYS A 83 -9.96 9.26 -16.74
N MET A 84 -10.72 8.88 -17.77
CA MET A 84 -10.22 8.71 -19.12
C MET A 84 -9.48 9.91 -19.71
N ASN A 85 -9.22 9.82 -21.01
CA ASN A 85 -8.50 10.83 -21.75
C ASN A 85 -9.38 11.64 -22.71
N PRO A 86 -9.26 12.98 -22.66
CA PRO A 86 -8.38 13.72 -21.75
C PRO A 86 -9.11 14.68 -20.79
N PRO A 87 -10.42 14.47 -20.54
CA PRO A 87 -11.14 15.39 -19.64
C PRO A 87 -10.51 15.58 -18.27
N THR A 88 -10.08 14.48 -17.67
CA THR A 88 -9.46 14.46 -16.35
C THR A 88 -10.02 15.46 -15.33
N CYS A 89 -11.33 15.38 -15.09
CA CYS A 89 -12.00 16.21 -14.10
C CYS A 89 -12.28 17.71 -14.35
N ARG A 90 -12.75 18.36 -13.29
CA ARG A 90 -13.09 19.79 -13.22
C ARG A 90 -14.01 20.10 -12.02
N CYS A 91 -13.41 20.34 -10.86
CA CYS A 91 -14.15 20.65 -9.63
C CYS A 91 -15.03 21.89 -9.83
N VAL A 95 -17.02 26.94 -1.02
CA VAL A 95 -15.93 27.80 -0.57
C VAL A 95 -16.38 29.25 -0.54
N LYS A 96 -15.47 30.16 -0.87
CA LYS A 96 -15.78 31.59 -0.91
C LYS A 96 -15.31 32.14 -2.26
N GLU A 97 -14.38 33.09 -2.23
CA GLU A 97 -13.88 33.66 -3.47
C GLU A 97 -13.05 32.61 -4.20
N CYS A 98 -13.16 32.60 -5.53
CA CYS A 98 -12.43 31.64 -6.37
C CYS A 98 -10.93 31.94 -6.43
N ALA A 99 -10.24 31.39 -7.42
CA ALA A 99 -8.81 31.60 -7.52
C ALA A 99 -8.29 32.06 -8.88
N ASP A 100 -7.17 32.78 -8.83
CA ASP A 100 -6.48 33.33 -10.00
C ASP A 100 -6.59 32.57 -11.32
N ALA A 101 -6.76 31.25 -11.27
CA ALA A 101 -6.87 30.47 -12.49
C ALA A 101 -8.33 30.20 -12.84
N CYS A 102 -9.22 30.43 -11.87
CA CYS A 102 -10.67 30.26 -12.06
C CYS A 102 -11.06 31.11 -13.25
N LYS A 103 -12.34 31.24 -13.55
CA LYS A 103 -12.72 32.07 -14.70
C LYS A 103 -14.23 32.24 -14.90
N ASP A 104 -15.03 31.80 -13.94
CA ASP A 104 -16.49 31.91 -14.06
C ASP A 104 -17.12 32.00 -12.68
N CYS A 105 -16.36 32.52 -11.72
CA CYS A 105 -16.81 32.67 -10.34
C CYS A 105 -18.21 33.28 -10.24
N GLN A 106 -18.97 32.87 -9.22
CA GLN A 106 -20.33 33.38 -9.00
C GLN A 106 -21.01 32.77 -7.77
N ARG A 107 -21.62 33.62 -6.95
CA ARG A 107 -22.33 33.13 -5.76
C ARG A 107 -23.49 32.28 -6.22
N VAL A 108 -24.59 32.29 -5.47
CA VAL A 108 -25.74 31.49 -5.86
C VAL A 108 -26.91 31.79 -4.93
N GLU A 109 -28.08 31.24 -5.25
CA GLU A 109 -29.30 31.44 -4.48
C GLU A 109 -29.13 31.48 -2.96
N SER A 110 -28.27 30.62 -2.43
CA SER A 110 -28.06 30.55 -0.98
C SER A 110 -27.51 31.86 -0.36
N SER A 111 -26.23 32.15 -0.59
CA SER A 111 -25.62 33.36 -0.03
C SER A 111 -25.06 34.34 -1.07
N GLU A 112 -24.79 35.56 -0.63
CA GLU A 112 -24.26 36.60 -1.49
C GLU A 112 -22.74 36.62 -1.45
N CYS A 118 -16.08 27.38 -8.21
CA CYS A 118 -15.80 27.87 -9.55
C CYS A 118 -15.75 26.72 -10.55
N LYS A 119 -16.44 26.90 -11.68
CA LYS A 119 -16.47 25.86 -12.70
C LYS A 119 -15.55 26.30 -13.82
N ASP A 120 -14.54 25.48 -14.13
CA ASP A 120 -13.61 25.82 -15.21
C ASP A 120 -13.43 24.70 -16.24
N ARG A 121 -13.29 25.11 -17.50
CA ARG A 121 -13.14 24.17 -18.60
C ARG A 121 -11.83 23.39 -18.55
N PHE A 122 -10.85 23.93 -17.84
CA PHE A 122 -9.53 23.30 -17.73
C PHE A 122 -9.57 21.85 -17.19
N THR A 123 -8.71 20.99 -17.76
CA THR A 123 -8.63 19.60 -17.37
C THR A 123 -7.43 19.31 -16.47
N GLY A 124 -6.99 18.06 -16.47
CA GLY A 124 -5.85 17.67 -15.66
C GLY A 124 -6.20 17.05 -14.32
N HIS A 125 -5.33 16.12 -13.90
CA HIS A 125 -5.42 15.38 -12.63
C HIS A 125 -5.70 16.28 -11.43
N PRO A 126 -6.88 16.13 -10.81
CA PRO A 126 -7.20 16.96 -9.67
C PRO A 126 -6.24 16.74 -8.52
N GLY A 127 -6.00 17.79 -7.75
CA GLY A 127 -5.11 17.65 -6.62
C GLY A 127 -5.92 17.06 -5.50
N PRO A 128 -5.45 17.17 -4.26
CA PRO A 128 -6.17 16.63 -3.10
C PRO A 128 -7.48 17.34 -2.77
N VAL A 129 -8.09 16.93 -1.67
CA VAL A 129 -9.34 17.52 -1.20
C VAL A 129 -8.99 18.47 -0.07
N CYS A 130 -10.00 19.12 0.51
CA CYS A 130 -9.75 20.08 1.58
C CYS A 130 -9.93 19.55 3.00
N LYS A 131 -11.00 18.80 3.23
CA LYS A 131 -11.29 18.23 4.55
C LYS A 131 -10.71 16.82 4.67
N ILE B 1 -7.32 -1.94 6.42
CA ILE B 1 -8.24 -2.97 5.84
C ILE B 1 -9.68 -2.48 5.73
N VAL B 2 -10.24 -2.44 4.52
CA VAL B 2 -11.65 -1.98 4.38
C VAL B 2 -12.64 -3.14 4.38
N GLY B 3 -13.71 -3.02 5.15
CA GLY B 3 -14.71 -4.08 5.21
C GLY B 3 -14.47 -5.18 6.23
N GLY B 4 -13.38 -5.08 6.96
CA GLY B 4 -13.08 -6.11 7.95
C GLY B 4 -13.71 -5.88 9.31
N TYR B 5 -13.19 -6.58 10.30
CA TYR B 5 -13.68 -6.49 11.67
C TYR B 5 -12.48 -6.49 12.65
N THR B 6 -12.71 -6.12 13.90
CA THR B 6 -11.60 -6.14 14.82
C THR B 6 -11.21 -7.58 15.12
N CYS B 7 -9.92 -7.86 15.01
CA CYS B 7 -9.36 -9.18 15.25
C CYS B 7 -9.42 -9.62 16.69
N GLY B 8 -8.80 -8.84 17.54
CA GLY B 8 -8.76 -9.18 18.94
C GLY B 8 -7.32 -9.18 19.39
N ALA B 9 -7.04 -8.44 20.46
CA ALA B 9 -5.69 -8.35 21.00
C ALA B 9 -4.99 -9.69 20.76
N ASN B 10 -4.03 -9.66 19.84
CA ASN B 10 -3.29 -10.86 19.49
C ASN B 10 -4.25 -12.05 19.33
N THR B 11 -4.44 -12.38 18.06
CA THR B 11 -5.27 -13.42 17.53
C THR B 11 -4.52 -13.70 16.24
N VAL B 12 -3.72 -12.72 15.83
CA VAL B 12 -2.88 -12.83 14.65
C VAL B 12 -1.48 -12.57 15.20
N PRO B 13 -1.01 -13.45 16.09
CA PRO B 13 0.30 -13.41 16.75
C PRO B 13 1.49 -13.25 15.82
N TYR B 14 1.32 -13.66 14.56
CA TYR B 14 2.42 -13.55 13.63
C TYR B 14 2.47 -12.18 12.92
N GLN B 15 1.43 -11.37 13.08
CA GLN B 15 1.36 -10.04 12.47
C GLN B 15 2.33 -9.01 13.08
N VAL B 16 3.11 -8.32 12.26
CA VAL B 16 4.01 -7.28 12.79
C VAL B 16 3.85 -5.92 12.09
N SER B 17 4.35 -4.88 12.76
CA SER B 17 4.30 -3.53 12.27
C SER B 17 5.71 -3.10 11.87
N LEU B 18 5.91 -2.75 10.60
CA LEU B 18 7.22 -2.28 10.16
C LEU B 18 7.20 -0.79 10.53
N ASN B 19 8.08 -0.38 11.42
CA ASN B 19 8.11 1.00 11.87
C ASN B 19 9.43 1.72 11.71
N SER B 20 9.32 3.05 11.60
CA SER B 20 10.47 3.92 11.46
C SER B 20 9.89 5.28 11.78
N GLY B 21 9.50 5.46 13.03
CA GLY B 21 8.89 6.70 13.47
C GLY B 21 7.39 6.49 13.48
N TYR B 22 6.88 5.97 12.38
CA TYR B 22 5.48 5.68 12.24
C TYR B 22 5.30 4.36 11.51
N HIS B 23 4.10 3.77 11.65
CA HIS B 23 3.79 2.50 11.02
C HIS B 23 3.52 2.70 9.55
N PHE B 24 4.29 2.02 8.71
CA PHE B 24 4.10 2.12 7.26
C PHE B 24 3.83 0.78 6.58
N CYS B 25 4.16 -0.32 7.25
CA CYS B 25 3.96 -1.60 6.58
C CYS B 25 3.70 -2.82 7.45
N GLY B 26 3.14 -3.84 6.80
CA GLY B 26 2.84 -5.08 7.47
C GLY B 26 4.07 -5.94 7.67
N GLY B 27 3.85 -7.23 7.91
CA GLY B 27 4.95 -8.14 8.14
C GLY B 27 4.50 -9.30 9.00
N SER B 28 4.74 -10.51 8.50
CA SER B 28 4.38 -11.70 9.22
C SER B 28 5.63 -12.46 9.53
N LEU B 29 5.92 -12.58 10.82
CA LEU B 29 7.07 -13.33 11.32
C LEU B 29 7.01 -14.80 10.88
N ILE B 30 8.04 -15.26 10.15
CA ILE B 30 8.07 -16.66 9.73
C ILE B 30 8.92 -17.51 10.66
N ASN B 31 9.63 -16.86 11.59
CA ASN B 31 10.45 -17.57 12.55
C ASN B 31 11.35 -16.71 13.43
N SER B 32 11.99 -17.37 14.38
CA SER B 32 12.91 -16.78 15.36
C SER B 32 13.45 -15.36 15.15
N GLN B 33 14.36 -15.19 14.20
CA GLN B 33 14.96 -13.90 13.93
C GLN B 33 14.68 -13.34 12.54
N TRP B 34 13.52 -13.68 11.99
CA TRP B 34 13.19 -13.23 10.65
C TRP B 34 11.75 -12.76 10.43
N VAL B 35 11.56 -11.93 9.40
CA VAL B 35 10.25 -11.39 9.06
C VAL B 35 10.02 -11.29 7.54
N VAL B 36 8.87 -11.73 7.07
CA VAL B 36 8.54 -11.66 5.65
C VAL B 36 7.67 -10.44 5.42
N SER B 37 7.98 -9.69 4.36
CA SER B 37 7.23 -8.48 4.04
C SER B 37 7.21 -8.16 2.54
N ALA B 38 6.92 -6.90 2.22
CA ALA B 38 6.83 -6.50 0.82
C ALA B 38 8.13 -5.96 0.26
N ALA B 39 8.23 -6.00 -1.06
CA ALA B 39 9.40 -5.48 -1.77
C ALA B 39 9.42 -3.98 -1.58
N HIS B 40 8.35 -3.33 -2.04
CA HIS B 40 8.25 -1.89 -1.94
C HIS B 40 8.31 -1.34 -0.53
N CYS B 41 8.12 -2.19 0.46
CA CYS B 41 8.15 -1.73 1.83
C CYS B 41 9.57 -1.53 2.32
N TYR B 42 10.55 -1.77 1.44
CA TYR B 42 11.95 -1.62 1.83
C TYR B 42 12.34 -0.19 2.15
N LYS B 43 13.16 -0.06 3.19
CA LYS B 43 13.67 1.23 3.67
C LYS B 43 14.92 1.02 4.52
N SER B 44 15.55 2.14 4.88
CA SER B 44 16.77 2.13 5.66
C SER B 44 16.55 2.54 7.11
N GLY B 45 16.40 1.55 7.98
CA GLY B 45 16.21 1.85 9.38
C GLY B 45 14.88 1.35 9.87
N ILE B 46 14.62 0.07 9.65
CA ILE B 46 13.39 -0.55 10.10
C ILE B 46 13.51 -0.90 11.57
N GLN B 47 12.38 -0.84 12.26
CA GLN B 47 12.31 -1.19 13.67
C GLN B 47 11.05 -2.05 13.59
N VAL B 48 11.19 -3.35 13.82
CA VAL B 48 10.05 -4.26 13.74
C VAL B 48 9.35 -4.35 15.06
N ARG B 49 8.03 -4.27 15.02
CA ARG B 49 7.26 -4.35 16.25
C ARG B 49 6.42 -5.61 16.23
N LEU B 50 6.60 -6.41 17.28
CA LEU B 50 5.87 -7.65 17.41
C LEU B 50 4.98 -7.74 18.64
N GLY B 51 3.83 -8.39 18.49
CA GLY B 51 2.91 -8.55 19.59
C GLY B 51 2.24 -7.27 20.00
N GLU B 52 1.60 -6.60 19.02
CA GLU B 52 0.90 -5.34 19.27
C GLU B 52 -0.61 -5.43 19.06
N ASP B 53 -1.33 -4.54 19.74
CA ASP B 53 -2.78 -4.41 19.60
C ASP B 53 -2.94 -2.95 19.14
N ASN B 54 -2.78 -2.00 20.05
CA ASN B 54 -2.84 -0.60 19.67
C ASN B 54 -1.42 -0.23 19.33
N ILE B 55 -1.20 0.20 18.09
CA ILE B 55 0.14 0.55 17.65
C ILE B 55 0.60 1.89 18.18
N ASN B 56 -0.36 2.75 18.53
CA ASN B 56 -0.07 4.07 19.02
C ASN B 56 -0.02 4.16 20.53
N VAL B 57 0.17 3.00 21.14
CA VAL B 57 0.19 2.90 22.59
C VAL B 57 0.95 1.64 23.01
N VAL B 58 1.74 1.81 24.08
CA VAL B 58 2.54 0.72 24.60
C VAL B 58 1.68 -0.06 25.57
N GLU B 59 1.86 -1.38 25.54
CA GLU B 59 1.07 -2.25 26.40
C GLU B 59 1.93 -3.43 26.87
N GLY B 60 3.18 -3.11 27.22
CA GLY B 60 4.12 -4.10 27.72
C GLY B 60 4.02 -5.52 27.20
N ASN B 61 3.42 -5.74 26.05
CA ASN B 61 3.33 -7.09 25.52
C ASN B 61 3.94 -6.99 24.14
N GLU B 62 4.61 -5.85 23.92
CA GLU B 62 5.27 -5.57 22.66
C GLU B 62 6.77 -5.80 22.78
N GLN B 63 7.42 -5.99 21.63
CA GLN B 63 8.86 -6.18 21.57
C GLN B 63 9.44 -5.34 20.43
N PHE B 64 10.22 -4.32 20.78
CA PHE B 64 10.84 -3.50 19.75
C PHE B 64 12.22 -4.05 19.44
N ILE B 65 12.38 -4.50 18.21
CA ILE B 65 13.63 -5.08 17.77
C ILE B 65 14.01 -4.44 16.44
N SER B 66 15.16 -3.78 16.41
CA SER B 66 15.57 -3.13 15.16
C SER B 66 15.73 -4.17 14.06
N ALA B 67 16.32 -3.77 12.94
CA ALA B 67 16.49 -4.69 11.82
C ALA B 67 17.96 -4.97 11.44
N SER B 68 18.51 -6.07 11.95
CA SER B 68 19.88 -6.46 11.70
C SER B 68 20.26 -6.26 10.24
N LYS B 69 19.39 -6.71 9.36
CA LYS B 69 19.60 -6.62 7.93
C LYS B 69 18.26 -6.80 7.22
N SER B 70 18.09 -6.12 6.10
CA SER B 70 16.85 -6.18 5.35
C SER B 70 17.12 -6.51 3.90
N ILE B 71 16.87 -7.76 3.53
CA ILE B 71 17.08 -8.25 2.17
C ILE B 71 15.91 -7.86 1.28
N VAL B 72 16.06 -8.07 -0.03
CA VAL B 72 15.02 -7.78 -0.99
C VAL B 72 15.00 -9.00 -1.89
N HIS B 73 14.37 -8.91 -3.06
CA HIS B 73 14.31 -10.05 -4.00
C HIS B 73 14.86 -9.72 -5.39
N PRO B 74 15.59 -10.67 -6.00
CA PRO B 74 16.16 -10.46 -7.34
C PRO B 74 15.24 -9.75 -8.29
N SER B 75 14.54 -10.54 -9.10
CA SER B 75 13.63 -10.03 -10.11
C SER B 75 12.74 -8.86 -9.70
N TYR B 76 12.65 -8.57 -8.41
CA TYR B 76 11.78 -7.47 -7.97
C TYR B 76 11.90 -6.25 -8.87
N ASN B 77 10.78 -5.84 -9.42
CA ASN B 77 10.74 -4.68 -10.30
C ASN B 77 9.62 -3.74 -9.92
N SER B 78 10.03 -2.51 -9.56
CA SER B 78 9.15 -1.44 -9.12
C SER B 78 7.98 -1.04 -10.02
N ASN B 79 8.15 -1.14 -11.32
CA ASN B 79 7.08 -0.75 -12.25
C ASN B 79 5.86 -1.66 -12.31
N THR B 80 6.09 -2.96 -12.46
CA THR B 80 5.03 -3.96 -12.53
C THR B 80 4.77 -4.59 -11.18
N LEU B 81 5.70 -4.39 -10.25
CA LEU B 81 5.59 -4.93 -8.91
C LEU B 81 5.86 -6.42 -8.83
N ASN B 82 5.82 -7.09 -9.98
CA ASN B 82 6.07 -8.51 -10.03
C ASN B 82 7.33 -8.85 -9.23
N ASN B 83 7.17 -9.73 -8.25
CA ASN B 83 8.26 -10.19 -7.39
C ASN B 83 8.37 -9.39 -6.11
N ASP B 84 7.22 -8.88 -5.68
CA ASP B 84 7.08 -8.06 -4.48
C ASP B 84 7.38 -8.76 -3.15
N ILE B 85 8.65 -8.81 -2.76
CA ILE B 85 9.01 -9.41 -1.48
C ILE B 85 10.35 -8.97 -0.89
N MET B 86 10.37 -8.84 0.42
CA MET B 86 11.55 -8.44 1.15
C MET B 86 11.65 -9.42 2.30
N LEU B 87 12.84 -9.57 2.84
CA LEU B 87 13.11 -10.47 3.95
C LEU B 87 13.84 -9.65 4.99
N ILE B 88 13.39 -9.71 6.25
CA ILE B 88 14.02 -8.93 7.32
C ILE B 88 14.57 -9.79 8.45
N LYS B 89 15.78 -9.46 8.90
CA LYS B 89 16.41 -10.20 9.96
C LYS B 89 16.38 -9.34 11.21
N LEU B 90 16.06 -9.96 12.35
CA LEU B 90 16.00 -9.23 13.60
C LEU B 90 17.38 -9.20 14.27
N LYS B 91 17.80 -8.02 14.70
CA LYS B 91 19.09 -7.82 15.37
C LYS B 91 19.21 -8.90 16.45
N SER B 92 18.05 -9.45 16.79
CA SER B 92 17.95 -10.50 17.79
C SER B 92 16.88 -11.50 17.33
N ALA B 93 16.07 -11.95 18.29
CA ALA B 93 14.97 -12.90 18.05
C ALA B 93 14.13 -12.88 19.32
N ALA B 94 12.83 -12.63 19.17
CA ALA B 94 11.91 -12.52 20.30
C ALA B 94 11.74 -13.75 21.18
N SER B 95 10.78 -13.67 22.10
CA SER B 95 10.48 -14.76 23.03
C SER B 95 9.50 -15.81 22.48
N LEU B 96 8.54 -15.37 21.65
CA LEU B 96 7.56 -16.26 21.02
C LEU B 96 6.41 -16.82 21.84
N ASN B 97 5.74 -15.97 22.63
CA ASN B 97 4.65 -16.44 23.47
C ASN B 97 3.35 -16.70 22.71
N SER B 98 2.24 -16.62 23.42
CA SER B 98 0.92 -16.84 22.84
C SER B 98 0.61 -15.71 21.88
N ARG B 99 0.78 -14.48 22.37
CA ARG B 99 0.54 -13.27 21.61
C ARG B 99 1.48 -13.18 20.40
N VAL B 100 2.79 -13.27 20.64
CA VAL B 100 3.77 -13.22 19.56
C VAL B 100 4.12 -14.65 19.14
N ALA B 101 3.65 -15.06 17.97
CA ALA B 101 3.96 -16.39 17.47
C ALA B 101 4.44 -16.32 16.03
N SER B 102 4.86 -17.46 15.49
CA SER B 102 5.33 -17.50 14.13
C SER B 102 4.28 -18.16 13.26
N ILE B 103 4.20 -17.72 12.01
CA ILE B 103 3.22 -18.29 11.10
C ILE B 103 4.04 -19.37 10.47
N SER B 104 3.53 -19.99 9.42
CA SER B 104 4.25 -21.07 8.76
C SER B 104 4.17 -20.98 7.26
N LEU B 105 5.31 -21.24 6.63
CA LEU B 105 5.42 -21.19 5.17
C LEU B 105 4.59 -22.26 4.53
N PRO B 106 4.14 -22.00 3.31
CA PRO B 106 3.32 -22.96 2.59
C PRO B 106 4.10 -24.17 2.09
N THR B 107 3.41 -24.97 1.26
CA THR B 107 3.98 -26.18 0.65
C THR B 107 3.47 -26.21 -0.78
N SER B 108 2.26 -25.68 -0.97
CA SER B 108 1.65 -25.66 -2.29
C SER B 108 0.58 -24.58 -2.37
N CYS B 109 0.76 -23.68 -3.33
CA CYS B 109 -0.16 -22.56 -3.55
C CYS B 109 -1.62 -22.97 -3.48
N ALA B 110 -2.34 -22.41 -2.52
CA ALA B 110 -3.75 -22.71 -2.33
C ALA B 110 -4.56 -22.39 -3.58
N SER B 111 -5.62 -23.16 -3.78
CA SER B 111 -6.47 -22.98 -4.94
C SER B 111 -7.42 -21.83 -4.74
N ALA B 112 -8.12 -21.44 -5.81
CA ALA B 112 -9.08 -20.35 -5.75
C ALA B 112 -10.27 -20.78 -4.87
N GLY B 113 -11.21 -19.87 -4.64
CA GLY B 113 -12.37 -20.17 -3.82
C GLY B 113 -12.06 -20.32 -2.34
N THR B 114 -10.77 -20.40 -2.03
CA THR B 114 -10.27 -20.55 -0.68
C THR B 114 -10.42 -19.29 0.18
N GLN B 115 -11.05 -19.44 1.34
CA GLN B 115 -11.22 -18.32 2.25
C GLN B 115 -9.88 -18.17 2.94
N CYS B 116 -9.33 -16.95 2.89
CA CYS B 116 -8.05 -16.67 3.54
C CYS B 116 -8.25 -15.53 4.53
N LEU B 117 -7.35 -15.43 5.51
CA LEU B 117 -7.41 -14.34 6.51
C LEU B 117 -6.34 -13.28 6.24
N ILE B 118 -6.81 -12.11 5.79
CA ILE B 118 -5.96 -10.95 5.48
C ILE B 118 -6.06 -9.93 6.62
N SER B 119 -4.92 -9.37 7.04
CA SER B 119 -4.96 -8.43 8.15
C SER B 119 -3.88 -7.35 8.17
N GLY B 120 -4.19 -6.21 8.81
CA GLY B 120 -3.26 -5.10 8.91
C GLY B 120 -3.75 -3.93 9.77
N TRP B 121 -3.07 -2.79 9.68
CA TRP B 121 -3.44 -1.58 10.42
C TRP B 121 -3.74 -0.45 9.46
N GLY B 122 -3.91 -0.79 8.19
CA GLY B 122 -4.21 0.20 7.18
C GLY B 122 -5.52 0.93 7.32
N ASN B 123 -5.93 1.55 6.23
CA ASN B 123 -7.13 2.35 6.18
C ASN B 123 -8.41 1.52 6.12
N THR B 124 -9.43 1.99 6.82
CA THR B 124 -10.68 1.27 6.87
C THR B 124 -11.81 1.99 6.18
N LYS B 125 -11.46 3.01 5.39
CA LYS B 125 -12.43 3.76 4.62
C LYS B 125 -11.92 3.76 3.20
N SER B 126 -12.58 2.99 2.34
CA SER B 126 -12.18 2.94 0.93
C SER B 126 -12.01 4.38 0.47
N SER B 127 -13.12 5.01 0.10
CA SER B 127 -13.08 6.41 -0.34
C SER B 127 -12.98 7.28 0.91
N GLY B 128 -11.75 7.57 1.31
CA GLY B 128 -11.55 8.40 2.49
C GLY B 128 -10.31 8.02 3.29
N THR B 129 -10.42 8.14 4.60
CA THR B 129 -9.33 7.81 5.51
C THR B 129 -9.81 7.62 6.95
N SER B 130 -9.39 6.51 7.55
CA SER B 130 -9.73 6.19 8.93
C SER B 130 -8.81 5.07 9.39
N TYR B 131 -7.55 5.43 9.64
CA TYR B 131 -6.54 4.49 10.08
C TYR B 131 -6.75 4.18 11.55
N PRO B 132 -6.99 2.89 11.87
CA PRO B 132 -7.27 2.32 13.18
C PRO B 132 -6.09 2.15 14.10
N ASP B 133 -6.37 2.16 15.40
CA ASP B 133 -5.34 1.94 16.39
C ASP B 133 -5.10 0.43 16.50
N VAL B 134 -6.19 -0.34 16.66
CA VAL B 134 -6.11 -1.79 16.81
C VAL B 134 -6.11 -2.47 15.48
N LEU B 135 -5.45 -3.62 15.43
CA LEU B 135 -5.31 -4.42 14.21
C LEU B 135 -6.66 -4.90 13.67
N LYS B 136 -6.91 -4.70 12.38
CA LYS B 136 -8.17 -5.16 11.78
C LYS B 136 -8.02 -6.49 11.01
N CYS B 137 -9.14 -7.19 10.80
CA CYS B 137 -9.17 -8.50 10.13
C CYS B 137 -10.15 -8.63 8.97
N LEU B 138 -9.80 -9.43 7.96
CA LEU B 138 -10.70 -9.67 6.81
C LEU B 138 -10.63 -11.10 6.20
N LYS B 139 -11.79 -11.75 6.07
CA LYS B 139 -11.85 -13.08 5.48
C LYS B 139 -12.10 -12.86 4.00
N ALA B 140 -11.30 -13.51 3.15
CA ALA B 140 -11.48 -13.34 1.71
C ALA B 140 -11.00 -14.50 0.87
N PRO B 141 -11.80 -14.87 -0.13
CA PRO B 141 -11.45 -15.98 -1.03
C PRO B 141 -10.54 -15.53 -2.16
N ILE B 142 -9.85 -16.50 -2.76
CA ILE B 142 -8.95 -16.27 -3.88
C ILE B 142 -9.77 -16.29 -5.15
N LEU B 143 -9.44 -15.41 -6.08
CA LEU B 143 -10.15 -15.37 -7.34
C LEU B 143 -9.31 -16.18 -8.33
N SER B 144 -9.92 -16.66 -9.40
CA SER B 144 -9.18 -17.45 -10.40
C SER B 144 -8.16 -16.58 -11.09
N ASP B 145 -6.99 -17.16 -11.34
CA ASP B 145 -5.93 -16.44 -12.02
C ASP B 145 -6.57 -15.94 -13.31
N SER B 146 -7.72 -16.52 -13.65
CA SER B 146 -8.45 -16.14 -14.84
C SER B 146 -9.09 -14.76 -14.62
N SER B 147 -9.90 -14.66 -13.57
CA SER B 147 -10.61 -13.43 -13.22
C SER B 147 -9.70 -12.27 -12.81
N CYS B 148 -8.58 -12.61 -12.17
CA CYS B 148 -7.63 -11.61 -11.72
C CYS B 148 -7.27 -10.74 -12.91
N LYS B 149 -6.82 -11.42 -13.96
CA LYS B 149 -6.43 -10.76 -15.19
C LYS B 149 -7.64 -10.06 -15.81
N SER B 150 -8.79 -10.67 -15.62
CA SER B 150 -10.02 -10.11 -16.15
C SER B 150 -10.26 -8.68 -15.66
N ALA B 151 -9.66 -8.31 -14.54
CA ALA B 151 -9.83 -6.95 -13.99
C ALA B 151 -8.61 -6.06 -14.21
N TYR B 152 -7.44 -6.67 -14.18
CA TYR B 152 -6.22 -5.91 -14.37
C TYR B 152 -5.52 -6.32 -15.65
N PRO B 153 -6.10 -5.95 -16.81
CA PRO B 153 -5.55 -6.28 -18.12
C PRO B 153 -4.02 -6.22 -18.25
N GLY B 154 -3.43 -7.39 -18.51
CA GLY B 154 -1.99 -7.50 -18.66
C GLY B 154 -1.23 -6.82 -17.55
N GLN B 155 -1.40 -7.32 -16.33
CA GLN B 155 -0.71 -6.76 -15.17
C GLN B 155 -0.37 -7.81 -14.10
N ILE B 156 -1.00 -8.98 -14.19
CA ILE B 156 -0.73 -10.04 -13.22
C ILE B 156 0.44 -10.91 -13.67
N THR B 157 0.90 -11.78 -12.79
CA THR B 157 2.03 -12.65 -13.11
C THR B 157 2.11 -13.89 -12.24
N SER B 158 2.96 -14.84 -12.64
CA SER B 158 3.16 -16.11 -11.96
C SER B 158 3.34 -16.00 -10.45
N ASN B 159 3.31 -14.78 -9.94
CA ASN B 159 3.49 -14.56 -8.51
C ASN B 159 2.30 -13.81 -7.90
N MET B 160 2.08 -12.58 -8.32
CA MET B 160 0.95 -11.85 -7.80
C MET B 160 -0.32 -12.67 -8.02
N PHE B 161 -1.27 -12.58 -7.09
CA PHE B 161 -2.54 -13.28 -7.21
C PHE B 161 -3.63 -12.47 -6.52
N CYS B 162 -4.73 -12.23 -7.22
CA CYS B 162 -5.80 -11.47 -6.61
C CYS B 162 -6.34 -12.24 -5.42
N ALA B 163 -7.21 -11.58 -4.68
CA ALA B 163 -7.87 -12.15 -3.52
C ALA B 163 -8.84 -11.05 -3.12
N GLY B 164 -10.03 -11.41 -2.67
CA GLY B 164 -10.97 -10.38 -2.28
C GLY B 164 -12.35 -10.60 -2.83
N TYR B 165 -13.11 -9.52 -2.96
CA TYR B 165 -14.47 -9.59 -3.45
C TYR B 165 -14.72 -8.71 -4.67
N LEU B 166 -14.94 -9.37 -5.81
CA LEU B 166 -15.20 -8.71 -7.10
C LEU B 166 -16.25 -7.60 -7.01
N GLU B 167 -17.24 -7.80 -6.14
CA GLU B 167 -18.26 -6.79 -5.95
C GLU B 167 -17.64 -5.64 -5.14
N GLY B 168 -16.55 -5.95 -4.44
CA GLY B 168 -15.85 -4.98 -3.63
C GLY B 168 -16.45 -4.57 -2.29
N GLY B 169 -15.95 -3.46 -1.75
CA GLY B 169 -16.43 -2.93 -0.48
C GLY B 169 -15.69 -3.53 0.71
N LYS B 170 -14.95 -4.58 0.43
CA LYS B 170 -14.17 -5.28 1.44
C LYS B 170 -12.87 -5.65 0.78
N ASP B 171 -11.77 -5.14 1.32
CA ASP B 171 -10.47 -5.41 0.73
C ASP B 171 -9.34 -4.93 1.64
N SER B 172 -8.10 -5.12 1.21
CA SER B 172 -6.94 -4.65 1.96
C SER B 172 -6.64 -3.24 1.47
N CYS B 173 -6.07 -2.40 2.31
CA CYS B 173 -5.84 -1.05 1.83
C CYS B 173 -4.57 -0.39 2.35
N GLN B 174 -4.39 0.85 1.91
CA GLN B 174 -3.25 1.66 2.27
C GLN B 174 -2.84 1.49 3.73
N GLY B 175 -1.65 0.96 3.94
CA GLY B 175 -1.15 0.75 5.28
C GLY B 175 -0.87 -0.72 5.47
N ASP B 176 -1.66 -1.52 4.77
CA ASP B 176 -1.57 -2.95 4.86
C ASP B 176 -0.44 -3.60 4.12
N SER B 177 0.20 -2.88 3.22
CA SER B 177 1.32 -3.43 2.43
C SER B 177 2.33 -4.23 3.23
N GLY B 178 2.59 -5.45 2.74
CA GLY B 178 3.55 -6.31 3.41
C GLY B 178 2.87 -7.13 4.46
N GLY B 179 1.55 -7.23 4.32
CA GLY B 179 0.74 -7.97 5.27
C GLY B 179 0.61 -9.45 4.94
N PRO B 180 0.07 -10.25 5.88
CA PRO B 180 -0.13 -11.69 5.74
C PRO B 180 -1.50 -12.04 5.17
N VAL B 181 -1.55 -13.01 4.26
CA VAL B 181 -2.80 -13.47 3.69
C VAL B 181 -2.78 -14.99 3.92
N VAL B 182 -3.14 -15.37 5.13
CA VAL B 182 -3.15 -16.75 5.57
C VAL B 182 -4.36 -17.57 5.15
N CYS B 183 -4.15 -18.85 4.91
CA CYS B 183 -5.25 -19.72 4.54
C CYS B 183 -4.95 -21.09 5.15
N SER B 184 -5.51 -21.33 6.33
CA SER B 184 -5.30 -22.58 7.07
C SER B 184 -3.80 -22.73 7.30
N GLY B 185 -3.34 -22.26 8.45
CA GLY B 185 -1.93 -22.34 8.83
C GLY B 185 -0.88 -21.95 7.80
N LYS B 186 -1.30 -21.65 6.57
CA LYS B 186 -0.34 -21.32 5.52
C LYS B 186 -0.28 -19.86 5.06
N LEU B 187 0.91 -19.26 5.24
CA LEU B 187 1.16 -17.86 4.85
C LEU B 187 1.23 -17.76 3.33
N GLN B 188 0.09 -17.98 2.67
CA GLN B 188 0.02 -17.95 1.21
C GLN B 188 0.20 -16.60 0.51
N GLY B 189 -0.26 -15.51 1.11
CA GLY B 189 -0.14 -14.22 0.45
C GLY B 189 0.55 -13.06 1.15
N ILE B 190 1.01 -12.10 0.34
CA ILE B 190 1.69 -10.90 0.82
C ILE B 190 1.09 -9.65 0.21
N VAL B 191 0.42 -8.83 1.00
CA VAL B 191 -0.19 -7.59 0.51
C VAL B 191 0.70 -6.86 -0.49
N SER B 192 0.27 -6.71 -1.73
CA SER B 192 1.10 -6.04 -2.72
C SER B 192 0.54 -4.75 -3.36
N TRP B 193 -0.56 -4.85 -4.09
CA TRP B 193 -1.11 -3.66 -4.71
C TRP B 193 -2.59 -3.79 -5.11
N GLY B 194 -3.06 -2.81 -5.88
CA GLY B 194 -4.44 -2.78 -6.33
C GLY B 194 -4.85 -1.37 -6.71
N SER B 195 -5.81 -1.25 -7.62
CA SER B 195 -6.27 0.07 -8.02
C SER B 195 -7.26 0.49 -6.95
N GLY B 196 -6.94 1.54 -6.21
CA GLY B 196 -7.83 1.99 -5.17
C GLY B 196 -8.01 0.89 -4.16
N CYS B 197 -9.15 0.89 -3.46
CA CYS B 197 -9.46 -0.12 -2.45
C CYS B 197 -10.93 -0.52 -2.47
N ALA B 198 -11.18 -1.82 -2.50
CA ALA B 198 -12.53 -2.37 -2.49
C ALA B 198 -13.48 -1.78 -3.52
N GLN B 199 -13.09 -1.79 -4.79
CA GLN B 199 -13.96 -1.25 -5.82
C GLN B 199 -14.22 -2.23 -6.96
N LYS B 200 -15.49 -2.60 -7.10
CA LYS B 200 -15.95 -3.53 -8.11
C LYS B 200 -14.95 -3.76 -9.23
N ASN B 201 -14.75 -5.03 -9.56
CA ASN B 201 -13.84 -5.42 -10.64
C ASN B 201 -12.45 -4.85 -10.43
N LYS B 202 -12.14 -4.54 -9.17
CA LYS B 202 -10.82 -4.03 -8.82
C LYS B 202 -10.40 -4.57 -7.47
N PRO B 203 -10.34 -5.91 -7.37
CA PRO B 203 -9.96 -6.63 -6.16
C PRO B 203 -8.55 -6.25 -5.81
N GLY B 204 -8.04 -6.80 -4.71
CA GLY B 204 -6.68 -6.50 -4.29
C GLY B 204 -5.70 -7.36 -5.05
N VAL B 205 -4.46 -7.41 -4.60
CA VAL B 205 -3.44 -8.22 -5.25
C VAL B 205 -2.30 -8.47 -4.28
N TYR B 206 -2.04 -9.75 -4.02
CA TYR B 206 -1.02 -10.14 -3.07
C TYR B 206 -0.15 -11.15 -3.78
N THR B 207 1.16 -11.08 -3.54
CA THR B 207 2.09 -11.98 -4.19
C THR B 207 2.06 -13.40 -3.66
N LYS B 208 2.30 -14.36 -4.56
CA LYS B 208 2.31 -15.77 -4.23
C LYS B 208 3.55 -16.08 -3.40
N VAL B 209 3.34 -16.41 -2.13
CA VAL B 209 4.45 -16.72 -1.24
C VAL B 209 5.02 -18.10 -1.52
N CYS B 210 4.16 -19.00 -1.99
CA CYS B 210 4.58 -20.36 -2.30
C CYS B 210 5.71 -20.43 -3.35
N ASN B 211 5.78 -19.46 -4.25
CA ASN B 211 6.81 -19.46 -5.29
C ASN B 211 8.15 -18.89 -4.87
N TYR B 212 8.36 -18.74 -3.57
CA TYR B 212 9.62 -18.19 -3.10
C TYR B 212 10.13 -19.07 -1.97
N VAL B 213 9.47 -20.22 -1.85
CA VAL B 213 9.77 -21.26 -0.85
C VAL B 213 11.27 -21.50 -0.75
N SER B 214 11.86 -21.89 -1.88
CA SER B 214 13.29 -22.15 -1.95
C SER B 214 13.95 -20.85 -1.53
N TRP B 215 13.81 -19.85 -2.41
CA TRP B 215 14.35 -18.50 -2.25
C TRP B 215 14.63 -18.13 -0.80
N ILE B 216 13.70 -18.48 0.07
CA ILE B 216 13.84 -18.15 1.48
C ILE B 216 14.87 -19.03 2.18
N LYS B 217 14.73 -20.34 2.03
CA LYS B 217 15.66 -21.30 2.64
C LYS B 217 17.05 -20.71 2.49
N GLN B 218 17.38 -20.42 1.24
CA GLN B 218 18.66 -19.85 0.82
C GLN B 218 18.97 -18.56 1.58
N THR B 219 18.15 -17.56 1.30
CA THR B 219 18.28 -16.22 1.88
C THR B 219 18.45 -16.23 3.41
N ILE B 220 17.95 -17.26 4.09
CA ILE B 220 18.10 -17.34 5.55
C ILE B 220 19.33 -18.18 5.86
N ALA B 221 19.54 -19.22 5.05
CA ALA B 221 20.69 -20.09 5.21
C ALA B 221 21.91 -19.18 5.22
N SER B 222 21.95 -18.29 4.24
CA SER B 222 23.03 -17.33 4.10
C SER B 222 22.61 -16.05 4.81
N ASN B 223 23.16 -14.93 4.36
CA ASN B 223 22.82 -13.63 4.95
C ASN B 223 22.61 -13.74 6.46
#